data_7EUU
#
_entry.id   7EUU
#
_cell.length_a   42.027
_cell.length_b   97.901
_cell.length_c   153.045
_cell.angle_alpha   90.000
_cell.angle_beta   94.040
_cell.angle_gamma   90.000
#
_symmetry.space_group_name_H-M   'C 1 2 1'
#
loop_
_entity.id
_entity.type
_entity.pdbx_description
1 polymer '2-oxoglutarate (2-OG)-dependent dioxygenase'
2 non-polymer 'COPPER (II) ION'
3 non-polymer N-OXALYLGLYCINE
4 non-polymer 2,6,11-trimethoxy-4,7,9-tris(oxidanyl)-1,12-bis[(2R)-2-oxidanylpropyl]perylene-3,10-dione
5 non-polymer 1,2-ETHANEDIOL
6 water water
#
_entity_poly.entity_id   1
_entity_poly.type   'polypeptide(L)'
_entity_poly.pdbx_seq_one_letter_code
;MTSTTTTTETLQEAVPFVAPPSPPEDVNNKELPEKPYYDVEFNYRLDPRDGGDEVIWGGTVGLMRRKYETRTVRINNERG
NEHNFNLDTHGFAWVKHKTSVTEFADYLAIRQGPYYGEVAEMLKRVTGATKVHVIGHLHRSLNYNDTTEEEKNAPDMTMT
KGQTPGRFVHVDQSYQGAVRRLYLDLPQEEARRLEKTRWAIINVWRPVRKVTNEPLAVCDARSVREDELFNTLHLVPMRW
PDAAPQENQMWAVAPPKTPTQHKWHYVSGMTEDEALLIKMFDSKKDGTARRVPHSSFPTPDDFGEPRASTETRCFVFWED
QEAEALEHHHHHH
;
_entity_poly.pdbx_strand_id   A,B
#
loop_
_chem_comp.id
_chem_comp.type
_chem_comp.name
_chem_comp.formula
CU non-polymer 'COPPER (II) ION' 'Cu 2'
EDO non-polymer 1,2-ETHANEDIOL 'C2 H6 O2'
JD9 non-polymer 2,6,11-trimethoxy-4,7,9-tris(oxidanyl)-1,12-bis[(2R)-2-oxidanylpropyl]perylene-3,10-dione 'C29 H28 O10'
OGA non-polymer N-OXALYLGLYCINE 'C4 H5 N O5'
#
# COMPACT_ATOMS: atom_id res chain seq x y z
N LYS A 35 -2.69 39.85 6.27
CA LYS A 35 -3.39 39.22 7.39
C LYS A 35 -2.40 38.45 8.28
N PRO A 36 -2.68 38.39 9.58
CA PRO A 36 -1.75 37.71 10.50
C PRO A 36 -1.89 36.20 10.44
N TYR A 37 -3.07 35.71 10.10
CA TYR A 37 -3.32 34.28 10.08
C TYR A 37 -4.61 34.01 9.32
N TYR A 38 -4.89 32.73 9.11
CA TYR A 38 -6.18 32.26 8.67
C TYR A 38 -6.56 31.03 9.49
N ASP A 39 -7.83 30.73 9.51
CA ASP A 39 -8.36 29.51 10.15
C ASP A 39 -9.01 28.75 9.00
N VAL A 40 -8.45 27.63 8.57
CA VAL A 40 -8.98 26.93 7.37
C VAL A 40 -9.18 25.45 7.67
N GLU A 41 -10.08 24.83 6.92
CA GLU A 41 -10.33 23.38 6.97
C GLU A 41 -9.18 22.67 6.25
N PHE A 42 -8.62 21.67 6.89
CA PHE A 42 -7.53 20.83 6.33
C PHE A 42 -8.04 19.40 6.20
N ASN A 43 -7.47 18.67 5.27
CA ASN A 43 -7.87 17.30 4.98
C ASN A 43 -6.87 16.35 5.64
N TYR A 44 -7.32 15.64 6.65
CA TYR A 44 -6.49 14.71 7.42
C TYR A 44 -6.91 13.27 7.14
N ARG A 45 -6.17 12.34 7.72
CA ARG A 45 -6.39 10.92 7.47
C ARG A 45 -7.74 10.47 8.03
N LEU A 46 -8.53 9.83 7.18
CA LEU A 46 -9.76 9.17 7.59
C LEU A 46 -9.46 7.70 7.83
N ASP A 47 -9.70 7.24 9.05
CA ASP A 47 -9.45 5.85 9.39
C ASP A 47 -10.32 4.93 8.53
N PRO A 48 -9.80 3.76 8.14
CA PRO A 48 -10.63 2.84 7.34
C PRO A 48 -11.89 2.39 8.06
N ARG A 49 -11.87 2.31 9.40
CA ARG A 49 -13.08 1.98 10.15
C ARG A 49 -14.20 2.98 9.90
N ASP A 50 -13.86 4.19 9.45
CA ASP A 50 -14.84 5.25 9.20
C ASP A 50 -14.97 5.57 7.72
N GLY A 51 -14.59 4.64 6.84
CA GLY A 51 -14.82 4.77 5.41
C GLY A 51 -13.59 5.06 4.57
N GLY A 52 -12.46 5.39 5.19
CA GLY A 52 -11.29 5.79 4.42
C GLY A 52 -10.65 4.64 3.69
N ASP A 53 -9.82 4.99 2.70
CA ASP A 53 -8.98 4.03 2.00
C ASP A 53 -7.51 4.36 2.24
N GLU A 54 -6.63 3.57 1.63
CA GLU A 54 -5.20 3.72 1.88
C GLU A 54 -4.39 3.70 0.58
N VAL A 55 -4.94 4.24 -0.50
CA VAL A 55 -4.22 4.38 -1.76
C VAL A 55 -4.42 5.79 -2.28
N ILE A 56 -3.33 6.51 -2.48
CA ILE A 56 -3.36 7.87 -3.03
C ILE A 56 -3.07 7.74 -4.52
N TRP A 57 -4.12 7.87 -5.34
CA TRP A 57 -4.00 7.70 -6.78
C TRP A 57 -3.57 9.02 -7.39
N GLY A 58 -2.25 9.24 -7.37
CA GLY A 58 -1.66 10.49 -7.79
C GLY A 58 -2.04 10.93 -9.20
N GLY A 59 -2.49 12.18 -9.33
CA GLY A 59 -2.81 12.73 -10.63
C GLY A 59 -4.08 12.20 -11.26
N THR A 60 -4.96 11.57 -10.50
CA THR A 60 -6.23 11.09 -11.02
C THR A 60 -7.37 11.96 -10.52
N VAL A 61 -8.49 11.89 -11.25
CA VAL A 61 -9.71 12.55 -10.81
C VAL A 61 -10.18 11.95 -9.48
N GLY A 62 -9.97 10.65 -9.30
CA GLY A 62 -10.44 9.99 -8.09
C GLY A 62 -9.84 10.58 -6.83
N LEU A 63 -8.56 11.00 -6.89
CA LEU A 63 -7.91 11.56 -5.71
C LEU A 63 -8.61 12.83 -5.23
N MET A 64 -9.18 13.62 -6.14
CA MET A 64 -9.96 14.78 -5.75
C MET A 64 -11.26 14.40 -5.05
N ARG A 65 -11.68 13.14 -5.15
CA ARG A 65 -12.89 12.65 -4.51
C ARG A 65 -12.59 11.85 -3.25
N ARG A 66 -11.34 11.81 -2.80
CA ARG A 66 -11.00 10.99 -1.65
C ARG A 66 -11.59 11.57 -0.38
N LYS A 67 -11.94 10.69 0.54
CA LYS A 67 -12.60 11.07 1.77
C LYS A 67 -11.55 11.28 2.87
N TYR A 68 -11.71 12.36 3.63
CA TYR A 68 -10.77 12.75 4.66
C TYR A 68 -11.51 13.06 5.95
N GLU A 69 -10.75 13.07 7.04
CA GLU A 69 -11.21 13.64 8.30
C GLU A 69 -10.86 15.13 8.29
N THR A 70 -11.86 15.97 8.13
CA THR A 70 -11.61 17.41 8.02
C THR A 70 -11.50 18.04 9.40
N ARG A 71 -10.57 18.98 9.53
CA ARG A 71 -10.35 19.71 10.77
C ARG A 71 -9.97 21.15 10.45
N THR A 72 -10.44 22.07 11.27
CA THR A 72 -10.06 23.48 11.14
C THR A 72 -8.80 23.72 11.97
N VAL A 73 -7.79 24.33 11.34
CA VAL A 73 -6.53 24.62 11.98
C VAL A 73 -6.17 26.07 11.76
N ARG A 74 -5.29 26.60 12.62
CA ARG A 74 -4.78 27.95 12.48
C ARG A 74 -3.46 27.93 11.74
N ILE A 75 -3.39 28.72 10.66
CA ILE A 75 -2.17 28.84 9.86
C ILE A 75 -1.64 30.26 10.06
N ASN A 76 -0.51 30.37 10.74
CA ASN A 76 0.09 31.66 11.02
C ASN A 76 0.90 32.15 9.81
N ASN A 77 0.61 33.36 9.35
CA ASN A 77 1.42 33.98 8.32
C ASN A 77 2.76 34.39 8.92
N GLU A 78 3.85 33.98 8.28
CA GLU A 78 5.19 34.24 8.79
C GLU A 78 6.01 35.13 7.88
N ARG A 79 5.40 35.74 6.87
CA ARG A 79 6.07 36.76 6.08
C ARG A 79 6.59 37.85 7.01
N GLY A 80 7.88 38.18 6.86
CA GLY A 80 8.54 39.05 7.79
C GLY A 80 9.10 38.34 9.02
N ASN A 81 8.93 37.01 9.12
CA ASN A 81 9.46 36.24 10.23
C ASN A 81 10.12 34.95 9.74
N GLU A 82 10.50 34.89 8.45
CA GLU A 82 11.01 33.65 7.88
C GLU A 82 12.33 33.24 8.51
N HIS A 83 13.16 34.21 8.89
CA HIS A 83 14.47 33.94 9.48
C HIS A 83 14.41 33.08 10.73
N ASN A 84 13.23 32.91 11.33
CA ASN A 84 13.07 32.18 12.57
C ASN A 84 12.83 30.68 12.36
N PHE A 85 12.81 30.20 11.12
CA PHE A 85 12.44 28.82 10.85
C PHE A 85 13.51 28.16 10.00
N ASN A 86 13.88 26.92 10.36
CA ASN A 86 14.99 26.24 9.72
C ASN A 86 14.71 24.75 9.65
N LEU A 87 15.45 24.08 8.77
CA LEU A 87 15.23 22.66 8.48
C LEU A 87 15.58 21.76 9.66
N ASP A 88 16.46 22.21 10.57
CA ASP A 88 16.87 21.34 11.67
C ASP A 88 15.82 21.32 12.78
N THR A 89 15.26 22.47 13.12
CA THR A 89 14.29 22.57 14.21
C THR A 89 12.87 22.28 13.74
N HIS A 90 12.43 22.97 12.69
CA HIS A 90 11.06 22.85 12.20
C HIS A 90 10.91 21.96 10.99
N GLY A 91 11.97 21.78 10.21
CA GLY A 91 11.92 20.99 9.00
C GLY A 91 11.64 21.77 7.74
N PHE A 92 11.51 23.09 7.81
CA PHE A 92 11.28 23.88 6.62
C PHE A 92 11.96 25.23 6.78
N ALA A 93 12.12 25.91 5.65
CA ALA A 93 12.70 27.24 5.63
C ALA A 93 12.26 27.95 4.36
N TRP A 94 12.04 29.26 4.47
CA TRP A 94 11.82 30.11 3.32
C TRP A 94 13.12 30.87 3.02
N VAL A 95 13.59 30.76 1.79
CA VAL A 95 14.83 31.41 1.39
C VAL A 95 14.57 32.29 0.17
N LYS A 96 15.38 33.33 0.04
CA LYS A 96 15.45 34.07 -1.22
C LYS A 96 16.37 33.34 -2.18
N HIS A 97 15.88 33.04 -3.37
CA HIS A 97 16.70 32.38 -4.37
C HIS A 97 16.18 32.73 -5.75
N LYS A 98 17.01 33.39 -6.54
CA LYS A 98 16.68 33.75 -7.91
C LYS A 98 17.08 32.60 -8.82
N THR A 99 16.15 32.23 -9.71
CA THR A 99 16.43 31.26 -10.76
C THR A 99 16.44 31.97 -12.11
N SER A 100 17.17 31.40 -13.06
CA SER A 100 17.19 31.95 -14.41
C SER A 100 16.04 31.46 -15.27
N VAL A 101 15.34 30.41 -14.83
CA VAL A 101 14.24 29.85 -15.61
C VAL A 101 12.97 30.62 -15.31
N THR A 102 12.17 30.87 -16.34
CA THR A 102 10.87 31.52 -16.19
C THR A 102 9.69 30.67 -16.63
N GLU A 103 9.87 29.77 -17.59
CA GLU A 103 8.79 28.90 -18.07
C GLU A 103 8.96 27.53 -17.44
N PHE A 104 7.98 27.12 -16.64
CA PHE A 104 8.06 25.88 -15.87
C PHE A 104 7.08 24.82 -16.34
N ALA A 105 6.30 25.09 -17.39
CA ALA A 105 5.26 24.14 -17.81
C ALA A 105 5.82 23.00 -18.64
N ASP A 106 6.92 23.23 -19.36
CA ASP A 106 7.49 22.22 -20.24
C ASP A 106 8.48 21.37 -19.43
N TYR A 107 8.13 20.10 -19.21
CA TYR A 107 8.97 19.23 -18.38
C TYR A 107 10.33 19.01 -19.02
N LEU A 108 10.37 18.70 -20.31
CA LEU A 108 11.64 18.44 -20.99
C LEU A 108 12.53 19.67 -20.95
N ALA A 109 11.96 20.85 -21.25
CA ALA A 109 12.75 22.08 -21.18
C ALA A 109 13.37 22.27 -19.81
N ILE A 110 12.62 21.96 -18.76
CA ILE A 110 13.12 22.14 -17.40
C ILE A 110 14.27 21.19 -17.11
N ARG A 111 14.12 19.91 -17.49
CA ARG A 111 15.06 18.88 -17.05
C ARG A 111 16.41 18.97 -17.77
N GLN A 112 16.41 19.41 -19.04
CA GLN A 112 17.64 19.62 -19.78
C GLN A 112 18.31 20.92 -19.38
N GLY A 113 17.51 21.97 -19.18
CA GLY A 113 17.98 23.29 -18.83
C GLY A 113 18.71 23.32 -17.50
N PRO A 114 19.04 24.52 -17.03
CA PRO A 114 19.90 24.65 -15.84
C PRO A 114 19.19 24.59 -14.50
N TYR A 115 17.87 24.37 -14.46
CA TYR A 115 17.12 24.57 -13.21
C TYR A 115 17.61 23.65 -12.10
N TYR A 116 17.76 22.36 -12.41
CA TYR A 116 18.15 21.39 -11.39
C TYR A 116 19.48 21.76 -10.75
N GLY A 117 20.47 22.13 -11.56
CA GLY A 117 21.74 22.55 -11.01
C GLY A 117 21.62 23.80 -10.15
N GLU A 118 20.78 24.74 -10.58
CA GLU A 118 20.55 25.95 -9.79
C GLU A 118 19.92 25.60 -8.44
N VAL A 119 18.92 24.72 -8.45
CA VAL A 119 18.31 24.27 -7.19
C VAL A 119 19.33 23.55 -6.34
N ALA A 120 20.14 22.67 -6.94
CA ALA A 120 21.07 21.84 -6.17
C ALA A 120 22.17 22.67 -5.53
N GLU A 121 22.66 23.70 -6.23
CA GLU A 121 23.69 24.55 -5.65
C GLU A 121 23.15 25.38 -4.50
N MET A 122 21.94 25.94 -4.66
CA MET A 122 21.28 26.61 -3.55
C MET A 122 21.11 25.67 -2.36
N LEU A 123 20.66 24.45 -2.62
CA LEU A 123 20.34 23.52 -1.54
C LEU A 123 21.58 23.10 -0.77
N LYS A 124 22.69 22.85 -1.48
CA LYS A 124 23.93 22.54 -0.78
C LYS A 124 24.42 23.76 0.00
N ARG A 125 24.27 24.95 -0.56
CA ARG A 125 24.64 26.18 0.15
C ARG A 125 23.85 26.31 1.44
N VAL A 126 22.54 26.05 1.39
CA VAL A 126 21.69 26.23 2.56
C VAL A 126 21.96 25.14 3.59
N THR A 127 21.94 23.88 3.15
CA THR A 127 22.07 22.76 4.08
C THR A 127 23.50 22.56 4.57
N GLY A 128 24.48 23.14 3.89
CA GLY A 128 25.85 22.75 4.13
C GLY A 128 26.14 21.34 3.67
N ALA A 129 25.35 20.83 2.74
CA ALA A 129 25.43 19.43 2.34
C ALA A 129 26.76 19.15 1.65
N THR A 130 27.02 17.86 1.46
CA THR A 130 28.19 17.40 0.75
C THR A 130 27.90 17.12 -0.72
N LYS A 131 26.65 16.74 -1.03
CA LYS A 131 26.23 16.44 -2.39
C LYS A 131 24.72 16.49 -2.42
N VAL A 132 24.17 16.96 -3.54
CA VAL A 132 22.73 17.04 -3.74
C VAL A 132 22.40 16.44 -5.11
N HIS A 133 21.40 15.56 -5.14
CA HIS A 133 20.97 14.89 -6.35
C HIS A 133 19.50 15.20 -6.56
N VAL A 134 19.18 15.82 -7.70
CA VAL A 134 17.81 16.20 -8.01
C VAL A 134 17.13 15.04 -8.73
N ILE A 135 16.03 14.56 -8.16
CA ILE A 135 15.29 13.45 -8.76
C ILE A 135 14.41 13.93 -9.90
N GLY A 136 13.69 15.02 -9.67
CA GLY A 136 12.76 15.53 -10.65
C GLY A 136 11.85 16.56 -10.01
N HIS A 137 10.85 16.98 -10.77
CA HIS A 137 9.96 18.03 -10.32
C HIS A 137 8.53 17.74 -10.78
N LEU A 138 7.57 18.34 -10.08
CA LEU A 138 6.17 18.27 -10.45
C LEU A 138 5.64 19.69 -10.62
N HIS A 139 5.05 19.94 -11.78
CA HIS A 139 4.46 21.24 -12.11
C HIS A 139 2.98 21.22 -11.80
N ARG A 140 2.52 22.24 -11.08
CA ARG A 140 1.08 22.38 -10.70
C ARG A 140 0.57 23.71 -11.26
N SER A 141 -0.57 23.69 -11.95
CA SER A 141 -1.11 24.92 -12.54
C SER A 141 -2.63 24.99 -12.55
N LEU A 142 -3.34 23.95 -12.12
CA LEU A 142 -4.79 23.95 -12.20
C LEU A 142 -5.41 24.54 -10.94
N ASN A 143 -6.59 25.13 -11.11
CA ASN A 143 -7.40 25.56 -9.97
C ASN A 143 -8.23 24.38 -9.47
N TYR A 144 -8.31 24.24 -8.14
CA TYR A 144 -8.93 23.03 -7.60
C TYR A 144 -10.41 22.95 -7.96
N ASN A 145 -11.18 24.00 -7.63
CA ASN A 145 -12.62 23.96 -7.82
C ASN A 145 -13.00 24.00 -9.29
N ASP A 146 -12.30 24.81 -10.09
CA ASP A 146 -12.49 24.74 -11.52
C ASP A 146 -12.37 23.31 -12.01
N THR A 147 -11.31 22.62 -11.60
CA THR A 147 -11.02 21.28 -12.08
C THR A 147 -12.02 20.25 -11.56
N THR A 148 -12.46 20.38 -10.31
CA THR A 148 -13.51 19.50 -9.80
C THR A 148 -14.69 19.45 -10.76
N GLU A 149 -15.16 20.62 -11.20
CA GLU A 149 -16.41 20.68 -11.95
C GLU A 149 -16.23 20.23 -13.40
N GLU A 150 -15.08 20.54 -13.98
CA GLU A 150 -14.84 20.04 -15.35
C GLU A 150 -14.72 18.51 -15.36
N GLU A 151 -14.20 17.95 -14.26
CA GLU A 151 -13.97 16.47 -14.18
C GLU A 151 -15.08 15.79 -13.37
N LYS A 152 -16.25 16.42 -13.27
CA LYS A 152 -17.36 15.77 -12.51
C LYS A 152 -17.86 14.47 -13.17
N ASN A 153 -17.86 14.39 -14.49
CA ASN A 153 -18.32 13.16 -15.19
C ASN A 153 -17.19 12.17 -15.42
N ALA A 154 -15.96 12.49 -15.03
CA ALA A 154 -14.85 11.62 -15.42
C ALA A 154 -14.81 10.37 -14.53
N PRO A 155 -14.49 9.22 -15.10
CA PRO A 155 -14.19 8.05 -14.27
C PRO A 155 -13.02 8.36 -13.34
N ASP A 156 -13.00 7.67 -12.19
CA ASP A 156 -12.05 8.00 -11.14
C ASP A 156 -10.61 7.92 -11.62
N MET A 157 -10.29 6.93 -12.44
CA MET A 157 -8.92 6.72 -12.88
C MET A 157 -8.51 7.61 -14.05
N THR A 158 -9.40 8.50 -14.50
CA THR A 158 -8.99 9.52 -15.46
C THR A 158 -7.87 10.36 -14.88
N MET A 159 -6.84 10.61 -15.68
CA MET A 159 -5.71 11.43 -15.27
C MET A 159 -5.92 12.86 -15.76
N THR A 160 -5.79 13.81 -14.84
CA THR A 160 -5.92 15.22 -15.21
C THR A 160 -4.71 15.65 -16.05
N LYS A 161 -4.98 16.48 -17.05
CA LYS A 161 -3.91 17.08 -17.86
C LYS A 161 -3.40 18.29 -17.11
N GLY A 162 -2.23 18.15 -16.47
CA GLY A 162 -1.79 19.11 -15.48
C GLY A 162 -2.14 18.64 -14.09
N GLN A 163 -1.69 19.39 -13.09
CA GLN A 163 -1.86 19.00 -11.71
C GLN A 163 -2.58 20.09 -10.92
N THR A 164 -3.56 19.66 -10.12
CA THR A 164 -4.27 20.49 -9.18
C THR A 164 -3.39 20.67 -7.93
N PRO A 165 -3.70 21.63 -7.06
CA PRO A 165 -2.92 21.76 -5.82
C PRO A 165 -3.08 20.54 -4.92
N GLY A 166 -2.11 20.36 -4.04
CA GLY A 166 -2.12 19.23 -3.13
C GLY A 166 -2.88 19.51 -1.85
N ARG A 167 -4.21 19.34 -1.90
CA ARG A 167 -5.07 19.73 -0.79
C ARG A 167 -5.36 18.52 0.10
N PHE A 168 -4.32 18.07 0.80
CA PHE A 168 -4.45 17.10 1.86
C PHE A 168 -3.12 17.04 2.62
N VAL A 169 -3.21 16.82 3.93
CA VAL A 169 -2.03 16.78 4.77
C VAL A 169 -1.24 15.51 4.48
N HIS A 170 0.04 15.65 4.18
CA HIS A 170 0.86 14.51 3.83
C HIS A 170 2.33 14.86 4.00
N VAL A 171 3.15 13.82 4.07
CA VAL A 171 4.59 13.91 3.84
C VAL A 171 4.88 13.06 2.60
N ASP A 172 5.69 13.60 1.70
CA ASP A 172 5.89 12.95 0.40
C ASP A 172 6.51 11.57 0.53
N GLN A 173 7.22 11.29 1.62
CA GLN A 173 7.83 9.98 1.81
C GLN A 173 7.72 9.56 3.26
N SER A 174 7.31 8.31 3.48
CA SER A 174 7.49 7.67 4.77
C SER A 174 8.97 7.46 5.04
N TYR A 175 9.29 7.01 6.25
CA TYR A 175 10.64 6.48 6.50
C TYR A 175 10.92 5.31 5.56
N GLN A 176 9.95 4.41 5.40
CA GLN A 176 10.07 3.34 4.42
C GLN A 176 10.14 3.90 3.01
N GLY A 177 9.26 4.86 2.70
CA GLY A 177 9.21 5.41 1.35
C GLY A 177 10.50 6.12 0.96
N ALA A 178 11.21 6.69 1.93
CA ALA A 178 12.48 7.33 1.63
C ALA A 178 13.52 6.31 1.19
N VAL A 179 13.59 5.17 1.87
CA VAL A 179 14.50 4.10 1.47
C VAL A 179 14.12 3.58 0.09
N ARG A 180 12.83 3.31 -0.11
CA ARG A 180 12.34 2.87 -1.42
C ARG A 180 12.76 3.83 -2.51
N ARG A 181 12.61 5.13 -2.27
CA ARG A 181 12.98 6.13 -3.28
C ARG A 181 14.47 6.13 -3.55
N LEU A 182 15.29 6.04 -2.49
CA LEU A 182 16.74 6.08 -2.66
C LEU A 182 17.23 4.99 -3.61
N TYR A 183 16.72 3.77 -3.45
CA TYR A 183 17.18 2.68 -4.29
C TYR A 183 16.47 2.63 -5.63
N LEU A 184 15.34 3.33 -5.79
CA LEU A 184 14.67 3.39 -7.08
C LEU A 184 15.27 4.47 -7.98
N ASP A 185 15.72 5.58 -7.40
CA ASP A 185 16.15 6.74 -8.15
C ASP A 185 17.67 6.88 -8.22
N LEU A 186 18.42 6.01 -7.56
CA LEU A 186 19.87 6.01 -7.59
C LEU A 186 20.38 4.62 -7.94
N PRO A 187 21.57 4.52 -8.54
CA PRO A 187 22.14 3.19 -8.81
C PRO A 187 22.35 2.42 -7.51
N GLN A 188 22.37 1.09 -7.63
CA GLN A 188 22.41 0.25 -6.42
C GLN A 188 23.66 0.52 -5.60
N GLU A 189 24.84 0.56 -6.22
CA GLU A 189 26.07 0.76 -5.44
C GLU A 189 26.02 2.14 -4.79
N GLU A 190 25.61 3.16 -5.57
CA GLU A 190 25.51 4.55 -5.07
C GLU A 190 24.58 4.60 -3.85
N ALA A 191 23.37 4.06 -3.97
CA ALA A 191 22.42 4.08 -2.83
C ALA A 191 23.05 3.48 -1.59
N ARG A 192 23.59 2.26 -1.70
CA ARG A 192 24.19 1.56 -0.54
C ARG A 192 25.24 2.44 0.17
N ARG A 193 26.11 3.09 -0.57
CA ARG A 193 27.16 3.91 0.08
C ARG A 193 26.55 5.14 0.75
N LEU A 194 25.74 5.90 0.03
CA LEU A 194 25.16 7.16 0.58
C LEU A 194 24.30 6.92 1.81
N GLU A 195 23.70 5.74 1.93
CA GLU A 195 22.87 5.33 3.08
C GLU A 195 23.74 5.14 4.34
N LYS A 196 25.07 4.94 4.21
CA LYS A 196 25.99 4.81 5.37
C LYS A 196 26.19 6.17 6.02
N THR A 197 26.09 7.26 5.27
CA THR A 197 26.21 8.61 5.82
C THR A 197 24.85 9.29 5.85
N ARG A 198 24.80 10.43 6.55
CA ARG A 198 23.54 11.15 6.71
C ARG A 198 22.97 11.57 5.37
N TRP A 199 21.67 11.37 5.21
CA TRP A 199 20.97 11.72 3.98
C TRP A 199 19.57 12.20 4.29
N ALA A 200 18.96 12.89 3.32
CA ALA A 200 17.67 13.52 3.54
C ALA A 200 17.00 13.77 2.19
N ILE A 201 15.67 13.80 2.21
CA ILE A 201 14.85 14.18 1.07
C ILE A 201 14.22 15.53 1.37
N ILE A 202 14.45 16.50 0.48
CA ILE A 202 13.94 17.86 0.66
C ILE A 202 13.26 18.28 -0.65
N ASN A 203 12.05 18.82 -0.54
CA ASN A 203 11.34 19.36 -1.69
C ASN A 203 11.57 20.87 -1.75
N VAL A 204 11.84 21.37 -2.96
CA VAL A 204 12.09 22.78 -3.20
C VAL A 204 10.88 23.31 -3.97
N TRP A 205 10.02 24.05 -3.27
CA TRP A 205 8.75 24.53 -3.83
C TRP A 205 8.91 26.00 -4.23
N ARG A 206 8.63 26.29 -5.51
CA ARG A 206 8.74 27.65 -6.02
C ARG A 206 7.52 28.00 -6.85
N PRO A 207 6.88 29.14 -6.61
CA PRO A 207 5.78 29.56 -7.47
C PRO A 207 6.29 30.13 -8.78
N VAL A 208 5.48 29.94 -9.83
CA VAL A 208 5.79 30.55 -11.12
C VAL A 208 5.68 32.07 -11.03
N ARG A 209 4.73 32.57 -10.25
CA ARG A 209 4.51 33.99 -10.08
C ARG A 209 3.96 34.22 -8.67
N LYS A 210 3.87 35.50 -8.29
CA LYS A 210 3.41 35.89 -6.97
C LYS A 210 2.15 35.13 -6.57
N VAL A 211 2.17 34.52 -5.39
CA VAL A 211 1.09 33.66 -4.94
C VAL A 211 -0.03 34.54 -4.38
N THR A 212 -1.16 34.58 -5.09
CA THR A 212 -2.34 35.26 -4.61
C THR A 212 -3.50 34.32 -4.33
N ASN A 213 -3.34 33.03 -4.63
CA ASN A 213 -4.34 32.03 -4.26
C ASN A 213 -3.65 30.71 -3.96
N GLU A 214 -4.37 29.86 -3.22
CA GLU A 214 -3.97 28.51 -2.85
C GLU A 214 -2.49 28.41 -2.49
N PRO A 215 -2.04 29.06 -1.41
CA PRO A 215 -0.64 28.93 -0.99
C PRO A 215 -0.35 27.56 -0.38
N LEU A 216 0.89 27.34 0.02
CA LEU A 216 1.32 26.06 0.59
C LEU A 216 1.65 26.25 2.06
N ALA A 217 1.03 25.41 2.90
CA ALA A 217 1.25 25.45 4.35
C ALA A 217 2.14 24.30 4.78
N VAL A 218 2.97 24.56 5.80
CA VAL A 218 3.89 23.57 6.36
C VAL A 218 3.68 23.51 7.86
N CYS A 219 3.76 22.31 8.41
CA CYS A 219 3.52 22.05 9.82
C CYS A 219 4.83 21.80 10.55
N ASP A 220 5.04 22.52 11.64
CA ASP A 220 6.20 22.31 12.51
C ASP A 220 6.38 20.84 12.81
N ALA A 221 7.52 20.28 12.40
CA ALA A 221 7.76 18.85 12.55
C ALA A 221 7.60 18.38 13.99
N ARG A 222 7.92 19.25 14.95
CA ARG A 222 7.86 18.88 16.36
C ARG A 222 6.45 18.84 16.92
N SER A 223 5.46 19.37 16.20
CA SER A 223 4.09 19.41 16.70
C SER A 223 3.27 18.18 16.32
N VAL A 224 3.84 17.21 15.61
CA VAL A 224 3.14 15.99 15.24
C VAL A 224 3.98 14.79 15.69
N ARG A 225 3.34 13.84 16.37
CA ARG A 225 4.04 12.70 16.96
C ARG A 225 4.12 11.54 15.97
N GLU A 226 4.98 10.57 16.31
CA GLU A 226 5.19 9.42 15.42
C GLU A 226 3.93 8.56 15.30
N ASP A 227 3.10 8.50 16.34
CA ASP A 227 1.89 7.69 16.29
C ASP A 227 0.78 8.33 15.47
N GLU A 228 0.96 9.58 15.03
CA GLU A 228 0.03 10.23 14.11
C GLU A 228 0.37 9.98 12.65
N LEU A 229 1.49 9.32 12.38
CA LEU A 229 1.97 9.10 11.02
C LEU A 229 1.60 7.70 10.57
N PHE A 230 1.05 7.59 9.35
CA PHE A 230 0.55 6.34 8.83
C PHE A 230 1.09 6.13 7.42
N ASN A 231 1.86 5.06 7.24
CA ASN A 231 2.40 4.70 5.93
C ASN A 231 1.26 4.45 4.95
N THR A 232 1.31 5.10 3.79
CA THR A 232 0.23 5.02 2.82
C THR A 232 0.80 4.90 1.42
N LEU A 233 0.20 4.01 0.64
CA LEU A 233 0.64 3.76 -0.72
C LEU A 233 0.22 4.91 -1.64
N HIS A 234 1.14 5.33 -2.49
CA HIS A 234 0.93 6.43 -3.43
C HIS A 234 1.29 5.92 -4.82
N LEU A 235 0.30 5.84 -5.71
CA LEU A 235 0.47 5.21 -7.01
C LEU A 235 0.18 6.21 -8.12
N VAL A 236 1.01 6.17 -9.16
CA VAL A 236 0.86 7.02 -10.33
C VAL A 236 0.73 6.12 -11.55
N PRO A 237 -0.49 5.98 -12.10
CA PRO A 237 -0.74 5.02 -13.20
C PRO A 237 -0.28 5.54 -14.56
N MET A 238 1.01 5.85 -14.66
CA MET A 238 1.58 6.26 -15.94
C MET A 238 1.67 5.06 -16.88
N ARG A 239 1.23 5.26 -18.12
CA ARG A 239 1.32 4.25 -19.18
C ARG A 239 0.47 3.02 -18.89
N TRP A 240 -0.63 3.18 -18.15
CA TRP A 240 -1.58 2.10 -17.99
C TRP A 240 -2.17 1.73 -19.35
N PRO A 241 -2.33 0.43 -19.67
CA PRO A 241 -2.06 -0.76 -18.86
C PRO A 241 -0.71 -1.41 -19.12
N ASP A 242 0.12 -0.78 -19.94
CA ASP A 242 1.38 -1.39 -20.35
C ASP A 242 2.32 -1.57 -19.17
N ALA A 243 2.24 -0.69 -18.18
CA ALA A 243 3.17 -0.72 -17.04
C ALA A 243 2.38 -0.71 -15.74
N ALA A 244 2.96 -1.34 -14.72
CA ALA A 244 2.42 -1.21 -13.38
C ALA A 244 2.53 0.25 -12.94
N PRO A 245 1.55 0.79 -12.21
CA PRO A 245 1.65 2.15 -11.71
C PRO A 245 2.92 2.35 -10.90
N GLN A 246 3.50 3.54 -11.00
CA GLN A 246 4.72 3.89 -10.26
C GLN A 246 4.39 3.88 -8.77
N GLU A 247 5.32 3.41 -7.96
CA GLU A 247 5.06 3.17 -6.55
C GLU A 247 5.85 4.13 -5.67
N ASN A 248 5.18 4.67 -4.65
CA ASN A 248 5.80 5.55 -3.67
C ASN A 248 5.02 5.43 -2.38
N GLN A 249 5.67 5.72 -1.25
CA GLN A 249 5.06 5.53 0.05
C GLN A 249 5.11 6.84 0.82
N MET A 250 3.94 7.34 1.21
CA MET A 250 3.81 8.62 1.89
C MET A 250 3.46 8.41 3.36
N TRP A 251 3.55 9.50 4.12
CA TRP A 251 2.90 9.59 5.42
C TRP A 251 1.53 10.22 5.25
N ALA A 252 0.51 9.55 5.77
CA ALA A 252 -0.76 10.20 6.08
C ALA A 252 -0.75 10.57 7.55
N VAL A 253 -1.55 11.57 7.91
CA VAL A 253 -1.45 12.22 9.21
C VAL A 253 -2.79 12.16 9.92
N ALA A 254 -2.78 11.69 11.17
CA ALA A 254 -4.00 11.62 11.97
C ALA A 254 -4.48 13.04 12.31
N PRO A 255 -5.79 13.27 12.32
CA PRO A 255 -6.28 14.62 12.54
C PRO A 255 -5.94 15.12 13.93
N PRO A 256 -5.73 16.42 14.09
CA PRO A 256 -5.55 16.98 15.44
C PRO A 256 -6.89 17.12 16.13
N LYS A 257 -6.83 17.35 17.44
CA LYS A 257 -8.01 17.59 18.25
C LYS A 257 -8.23 19.06 18.55
N THR A 258 -7.47 19.94 17.91
CA THR A 258 -7.47 21.35 18.27
C THR A 258 -6.91 22.12 17.09
N PRO A 259 -7.45 23.29 16.75
CA PRO A 259 -6.89 24.06 15.64
C PRO A 259 -5.43 24.44 15.81
N THR A 260 -4.87 24.32 17.01
CA THR A 260 -3.51 24.77 17.28
C THR A 260 -2.59 23.64 17.75
N GLN A 261 -3.08 22.41 17.87
CA GLN A 261 -2.23 21.30 18.25
C GLN A 261 -1.09 21.10 17.25
N HIS A 262 -1.44 20.97 15.98
CA HIS A 262 -0.45 21.04 14.91
C HIS A 262 -0.17 22.51 14.60
N LYS A 263 1.11 22.85 14.49
CA LYS A 263 1.55 24.25 14.29
C LYS A 263 1.73 24.50 12.81
N TRP A 264 0.75 25.14 12.19
CA TRP A 264 0.77 25.39 10.75
C TRP A 264 1.27 26.79 10.46
N HIS A 265 2.05 26.92 9.38
CA HIS A 265 2.65 28.19 8.98
C HIS A 265 2.60 28.31 7.47
N TYR A 266 2.74 29.54 7.00
CA TYR A 266 2.87 29.83 5.58
C TYR A 266 3.40 31.25 5.43
N VAL A 267 3.71 31.62 4.19
CA VAL A 267 4.21 32.96 3.87
C VAL A 267 3.39 33.50 2.71
N SER A 268 2.73 34.63 2.94
CA SER A 268 1.86 35.20 1.91
C SER A 268 2.68 35.87 0.82
N GLY A 269 2.10 35.89 -0.39
CA GLY A 269 2.74 36.56 -1.50
C GLY A 269 4.12 36.04 -1.85
N MET A 270 4.28 34.72 -1.86
CA MET A 270 5.55 34.13 -2.27
C MET A 270 5.79 34.38 -3.75
N THR A 271 6.98 34.87 -4.10
CA THR A 271 7.33 35.16 -5.47
C THR A 271 8.23 34.07 -6.04
N GLU A 272 8.40 34.10 -7.36
CA GLU A 272 9.28 33.16 -8.04
C GLU A 272 10.74 33.34 -7.68
N ASP A 273 11.08 34.40 -6.93
CA ASP A 273 12.42 34.60 -6.40
C ASP A 273 12.56 34.09 -4.97
N GLU A 274 11.60 33.30 -4.50
CA GLU A 274 11.64 32.73 -3.16
C GLU A 274 11.33 31.24 -3.25
N ALA A 275 11.89 30.48 -2.33
CA ALA A 275 11.75 29.02 -2.33
C ALA A 275 11.37 28.52 -0.95
N LEU A 276 10.43 27.57 -0.92
CA LEU A 276 10.05 26.88 0.31
C LEU A 276 10.72 25.51 0.30
N LEU A 277 11.64 25.30 1.23
CA LEU A 277 12.33 24.03 1.37
C LEU A 277 11.61 23.19 2.42
N ILE A 278 11.12 22.02 2.02
CA ILE A 278 10.29 21.18 2.86
C ILE A 278 10.99 19.85 3.05
N LYS A 279 11.29 19.52 4.31
CA LYS A 279 12.01 18.28 4.62
C LYS A 279 11.02 17.14 4.73
N MET A 280 11.13 16.17 3.82
CA MET A 280 10.30 14.97 3.86
C MET A 280 10.93 13.88 4.71
N PHE A 281 12.25 13.75 4.68
CA PHE A 281 12.92 12.69 5.42
C PHE A 281 14.31 13.14 5.82
N ASP A 282 14.77 12.62 6.96
CA ASP A 282 16.13 12.80 7.43
C ASP A 282 16.57 11.52 8.14
N SER A 283 17.72 10.98 7.75
CA SER A 283 18.21 9.76 8.39
C SER A 283 18.60 10.00 9.85
N LYS A 284 19.04 11.22 10.17
CA LYS A 284 19.43 11.61 11.54
C LYS A 284 18.29 11.27 12.48
N LYS A 285 18.52 10.54 13.54
CA LYS A 285 17.40 10.17 14.41
C LYS A 285 17.50 10.88 15.76
N ASP A 286 18.37 11.87 15.91
CA ASP A 286 18.67 12.53 17.21
C ASP A 286 17.93 13.85 17.42
N GLY A 287 16.60 13.88 17.45
CA GLY A 287 15.93 15.19 17.67
C GLY A 287 15.80 16.09 16.44
N THR A 288 16.73 16.12 15.48
CA THR A 288 16.52 16.96 14.28
C THR A 288 15.19 16.63 13.58
N ALA A 289 14.50 17.66 13.11
CA ALA A 289 13.24 17.56 12.34
C ALA A 289 13.40 16.49 11.25
N ARG A 290 12.52 15.51 11.24
CA ARG A 290 12.70 14.42 10.29
C ARG A 290 11.71 14.43 9.14
N ARG A 291 10.58 15.10 9.29
CA ARG A 291 9.49 15.00 8.32
C ARG A 291 8.50 16.11 8.60
N VAL A 292 7.97 16.71 7.54
CA VAL A 292 7.10 17.87 7.68
C VAL A 292 5.78 17.61 6.97
N PRO A 293 4.68 17.43 7.70
CA PRO A 293 3.37 17.41 7.04
C PRO A 293 3.11 18.76 6.39
N HIS A 294 2.45 18.72 5.23
CA HIS A 294 2.21 19.93 4.48
C HIS A 294 0.98 19.73 3.61
N SER A 295 0.41 20.86 3.16
CA SER A 295 -0.81 20.84 2.37
C SER A 295 -1.05 22.24 1.84
N SER A 296 -1.54 22.31 0.60
CA SER A 296 -2.06 23.59 0.13
C SER A 296 -3.41 23.86 0.79
N PHE A 297 -3.86 25.11 0.68
CA PHE A 297 -5.15 25.46 1.27
C PHE A 297 -5.67 26.72 0.61
N PRO A 298 -6.98 26.85 0.43
CA PRO A 298 -7.52 28.11 -0.10
C PRO A 298 -7.71 29.14 1.01
N THR A 299 -7.41 30.38 0.68
CA THR A 299 -7.74 31.45 1.61
C THR A 299 -9.01 32.17 1.14
N PRO A 300 -9.76 32.80 2.04
CA PRO A 300 -10.95 33.54 1.59
C PRO A 300 -10.62 34.69 0.66
N ASP A 301 -9.42 35.26 0.78
CA ASP A 301 -8.97 36.37 -0.05
C ASP A 301 -8.30 35.89 -1.35
N ASP A 302 -8.49 34.63 -1.72
CA ASP A 302 -7.89 34.12 -2.95
C ASP A 302 -8.42 34.89 -4.16
N PHE A 303 -7.52 35.21 -5.08
CA PHE A 303 -7.91 35.86 -6.33
C PHE A 303 -6.83 35.60 -7.37
N GLY A 304 -7.14 35.98 -8.61
CA GLY A 304 -6.20 35.86 -9.71
C GLY A 304 -6.33 34.56 -10.47
N GLU A 305 -5.49 34.43 -11.49
CA GLU A 305 -5.41 33.19 -12.24
C GLU A 305 -4.78 32.11 -11.37
N PRO A 306 -5.04 30.83 -11.66
CA PRO A 306 -4.65 29.76 -10.72
C PRO A 306 -3.17 29.81 -10.39
N ARG A 307 -2.88 29.66 -9.10
CA ARG A 307 -1.49 29.53 -8.65
C ARG A 307 -0.78 28.45 -9.44
N ALA A 308 0.47 28.72 -9.82
CA ALA A 308 1.29 27.76 -10.54
C ALA A 308 2.62 27.63 -9.83
N SER A 309 3.14 26.40 -9.79
CA SER A 309 4.35 26.15 -9.03
C SER A 309 5.03 24.90 -9.56
N THR A 310 6.30 24.74 -9.18
CA THR A 310 7.03 23.49 -9.32
C THR A 310 7.56 23.08 -7.95
N GLU A 311 7.52 21.78 -7.68
CA GLU A 311 8.17 21.21 -6.51
C GLU A 311 9.23 20.25 -6.99
N THR A 312 10.46 20.55 -6.63
CA THR A 312 11.64 19.78 -7.06
C THR A 312 12.12 18.86 -5.95
N ARG A 313 11.93 17.55 -6.15
CA ARG A 313 12.33 16.50 -5.18
C ARG A 313 13.85 16.38 -5.21
N CYS A 314 14.49 16.41 -4.04
CA CYS A 314 15.96 16.34 -3.94
C CYS A 314 16.48 15.46 -2.81
N PHE A 315 17.48 14.68 -3.16
CA PHE A 315 18.25 13.99 -2.14
C PHE A 315 19.37 14.92 -1.67
N VAL A 316 19.61 14.92 -0.37
CA VAL A 316 20.65 15.75 0.24
C VAL A 316 21.53 14.83 1.10
N PHE A 317 22.84 14.87 0.84
CA PHE A 317 23.78 13.97 1.49
C PHE A 317 24.85 14.78 2.22
N TRP A 318 25.11 14.40 3.47
CA TRP A 318 26.23 14.92 4.25
C TRP A 318 27.18 13.74 4.49
N GLU A 319 28.12 13.54 3.57
CA GLU A 319 29.01 12.39 3.66
C GLU A 319 30.00 12.48 4.82
N ASP A 320 29.89 13.49 5.68
CA ASP A 320 30.75 13.62 6.85
C ASP A 320 30.00 13.38 8.16
N GLN A 321 28.76 12.90 8.10
CA GLN A 321 27.95 12.72 9.30
C GLN A 321 27.39 11.30 9.35
N GLU A 322 26.86 10.94 10.52
CA GLU A 322 26.29 9.62 10.78
C GLU A 322 27.31 8.52 10.48
N LYS B 35 5.33 -39.87 -2.01
CA LYS B 35 6.41 -39.21 -1.24
C LYS B 35 5.81 -38.53 0.00
N PRO B 36 6.49 -38.76 1.13
CA PRO B 36 6.17 -38.28 2.47
C PRO B 36 6.63 -36.84 2.75
N TYR B 37 7.39 -36.29 1.83
CA TYR B 37 7.87 -34.90 1.83
C TYR B 37 8.38 -34.57 0.42
N TYR B 38 8.55 -33.28 0.18
CA TYR B 38 9.07 -32.78 -1.11
C TYR B 38 9.90 -31.54 -0.83
N ASP B 39 10.94 -31.34 -1.61
CA ASP B 39 11.77 -30.15 -1.37
C ASP B 39 11.60 -29.28 -2.60
N VAL B 40 10.85 -28.18 -2.47
CA VAL B 40 10.57 -27.29 -3.64
C VAL B 40 10.92 -25.83 -3.39
N GLU B 41 11.10 -25.10 -4.47
CA GLU B 41 11.37 -23.68 -4.41
C GLU B 41 10.08 -22.91 -4.06
N PHE B 42 10.15 -22.08 -3.02
CA PHE B 42 9.02 -21.23 -2.63
C PHE B 42 9.36 -19.76 -2.84
N ASN B 43 8.34 -18.96 -3.13
CA ASN B 43 8.50 -17.54 -3.47
C ASN B 43 8.20 -16.70 -2.24
N TYR B 44 9.24 -16.10 -1.66
CA TYR B 44 9.14 -15.27 -0.47
C TYR B 44 9.34 -13.81 -0.82
N ARG B 45 9.27 -12.96 0.21
CA ARG B 45 9.31 -11.52 0.00
C ARG B 45 10.71 -11.06 -0.40
N LEU B 46 10.78 -10.32 -1.51
CA LEU B 46 12.01 -9.63 -1.92
C LEU B 46 11.95 -8.21 -1.39
N ASP B 47 12.88 -7.86 -0.51
CA ASP B 47 12.90 -6.52 0.06
C ASP B 47 13.08 -5.48 -1.06
N PRO B 48 12.45 -4.31 -0.93
CA PRO B 48 12.63 -3.27 -1.95
C PRO B 48 14.06 -2.87 -2.20
N ARG B 49 14.91 -2.89 -1.16
CA ARG B 49 16.32 -2.61 -1.35
C ARG B 49 16.94 -3.51 -2.41
N ASP B 50 16.43 -4.74 -2.54
CA ASP B 50 16.92 -5.70 -3.52
C ASP B 50 16.03 -5.78 -4.76
N GLY B 51 15.22 -4.77 -5.01
CA GLY B 51 14.43 -4.72 -6.22
C GLY B 51 13.00 -5.22 -6.11
N GLY B 52 12.53 -5.53 -4.90
CA GLY B 52 11.15 -5.94 -4.74
C GLY B 52 10.20 -4.75 -4.71
N ASP B 53 8.95 -5.00 -5.09
CA ASP B 53 7.89 -4.00 -4.99
C ASP B 53 6.95 -4.39 -3.86
N GLU B 54 5.94 -3.54 -3.63
CA GLU B 54 5.04 -3.72 -2.50
C GLU B 54 3.58 -3.56 -2.91
N VAL B 55 3.23 -4.02 -4.11
CA VAL B 55 1.84 -4.07 -4.55
C VAL B 55 1.59 -5.42 -5.22
N ILE B 56 0.59 -6.14 -4.76
CA ILE B 56 0.17 -7.40 -5.36
C ILE B 56 -1.04 -7.11 -6.23
N TRP B 57 -0.84 -7.13 -7.55
CA TRP B 57 -1.88 -6.79 -8.52
C TRP B 57 -2.65 -8.06 -8.85
N GLY B 58 -3.67 -8.34 -8.06
CA GLY B 58 -4.38 -9.61 -8.18
C GLY B 58 -5.06 -9.74 -9.54
N GLY B 59 -4.99 -10.94 -10.10
CA GLY B 59 -5.67 -11.24 -11.34
C GLY B 59 -5.05 -10.66 -12.58
N THR B 60 -3.88 -10.06 -12.50
CA THR B 60 -3.22 -9.46 -13.65
C THR B 60 -2.11 -10.35 -14.18
N VAL B 61 -1.77 -10.15 -15.45
CA VAL B 61 -0.63 -10.84 -16.05
C VAL B 61 0.66 -10.45 -15.33
N GLY B 62 0.77 -9.17 -14.94
CA GLY B 62 1.99 -8.70 -14.31
C GLY B 62 2.30 -9.39 -13.00
N LEU B 63 1.28 -9.79 -12.24
CA LEU B 63 1.50 -10.51 -10.99
C LEU B 63 2.31 -11.78 -11.24
N MET B 64 2.19 -12.38 -12.42
CA MET B 64 2.99 -13.54 -12.77
C MET B 64 4.45 -13.19 -13.00
N ARG B 65 4.75 -11.90 -13.24
CA ARG B 65 6.11 -11.45 -13.44
C ARG B 65 6.70 -10.77 -12.20
N ARG B 66 6.03 -10.89 -11.05
CA ARG B 66 6.51 -10.26 -9.83
C ARG B 66 7.76 -10.97 -9.33
N LYS B 67 8.67 -10.19 -8.75
CA LYS B 67 9.96 -10.71 -8.30
C LYS B 67 9.90 -11.13 -6.84
N TYR B 68 10.57 -12.23 -6.53
CA TYR B 68 10.53 -12.80 -5.20
C TYR B 68 11.93 -13.23 -4.79
N GLU B 69 12.11 -13.39 -3.47
CA GLU B 69 13.30 -14.02 -2.94
C GLU B 69 13.02 -15.49 -2.80
N THR B 70 13.65 -16.27 -3.66
CA THR B 70 13.35 -17.68 -3.73
C THR B 70 14.07 -18.46 -2.64
N ARG B 71 13.36 -19.42 -2.03
CA ARG B 71 13.98 -20.33 -1.09
C ARG B 71 13.42 -21.74 -1.20
N THR B 72 14.31 -22.74 -1.13
CA THR B 72 13.88 -24.14 -1.09
C THR B 72 13.46 -24.50 0.34
N VAL B 73 12.29 -25.12 0.47
CA VAL B 73 11.76 -25.55 1.75
C VAL B 73 11.27 -26.98 1.63
N ARG B 74 11.09 -27.62 2.79
CA ARG B 74 10.57 -28.98 2.85
C ARG B 74 9.11 -28.96 3.28
N ILE B 75 8.25 -29.59 2.47
CA ILE B 75 6.83 -29.68 2.74
C ILE B 75 6.50 -31.12 3.12
N ASN B 76 5.86 -31.31 4.26
CA ASN B 76 5.54 -32.63 4.77
C ASN B 76 4.16 -33.06 4.27
N ASN B 77 4.12 -34.19 3.56
CA ASN B 77 2.84 -34.81 3.20
C ASN B 77 2.21 -35.37 4.47
N GLU B 78 1.07 -34.80 4.88
CA GLU B 78 0.41 -35.18 6.12
C GLU B 78 -0.77 -36.12 5.90
N ARG B 79 -0.87 -36.72 4.72
CA ARG B 79 -2.00 -37.60 4.41
C ARG B 79 -2.04 -38.77 5.37
N GLY B 80 -3.17 -38.92 6.05
CA GLY B 80 -3.31 -39.89 7.14
C GLY B 80 -3.20 -39.19 8.47
N ASN B 81 -2.28 -38.23 8.55
CA ASN B 81 -1.89 -37.55 9.78
C ASN B 81 -2.75 -36.31 10.07
N GLU B 82 -3.88 -36.14 9.36
CA GLU B 82 -4.64 -34.90 9.43
C GLU B 82 -5.22 -34.63 10.81
N HIS B 83 -5.43 -35.67 11.62
CA HIS B 83 -6.05 -35.45 12.93
C HIS B 83 -5.16 -34.63 13.85
N ASN B 84 -3.87 -34.55 13.56
CA ASN B 84 -2.90 -33.91 14.44
C ASN B 84 -2.82 -32.40 14.26
N PHE B 85 -3.55 -31.83 13.30
CA PHE B 85 -3.51 -30.40 13.04
C PHE B 85 -4.88 -29.78 13.29
N ASN B 86 -4.88 -28.52 13.73
CA ASN B 86 -6.13 -27.86 14.05
C ASN B 86 -5.93 -26.35 14.00
N LEU B 87 -7.05 -25.64 13.87
CA LEU B 87 -7.00 -24.20 13.68
C LEU B 87 -6.41 -23.47 14.88
N ASP B 88 -6.50 -24.07 16.07
CA ASP B 88 -6.15 -23.33 17.28
C ASP B 88 -4.65 -23.28 17.52
N THR B 89 -3.92 -24.36 17.19
CA THR B 89 -2.48 -24.39 17.45
C THR B 89 -1.62 -24.26 16.20
N HIS B 90 -1.99 -24.91 15.09
CA HIS B 90 -1.27 -24.74 13.84
C HIS B 90 -1.91 -23.71 12.92
N GLY B 91 -3.19 -23.41 13.10
CA GLY B 91 -3.88 -22.42 12.29
C GLY B 91 -4.64 -22.98 11.11
N PHE B 92 -4.53 -24.27 10.82
CA PHE B 92 -5.19 -24.86 9.67
C PHE B 92 -5.68 -26.26 10.02
N ALA B 93 -6.52 -26.81 9.16
CA ALA B 93 -7.07 -28.14 9.38
C ALA B 93 -7.65 -28.67 8.08
N TRP B 94 -7.51 -29.97 7.87
CA TRP B 94 -8.18 -30.68 6.78
C TRP B 94 -9.34 -31.46 7.36
N VAL B 95 -10.52 -31.31 6.75
CA VAL B 95 -11.70 -32.03 7.23
C VAL B 95 -12.22 -32.95 6.14
N LYS B 96 -13.33 -33.63 6.43
CA LYS B 96 -14.15 -34.26 5.41
C LYS B 96 -15.43 -33.45 5.27
N HIS B 97 -15.73 -33.01 4.04
CA HIS B 97 -16.95 -32.26 3.81
C HIS B 97 -17.43 -32.52 2.39
N LYS B 98 -18.58 -33.18 2.27
CA LYS B 98 -19.26 -33.31 0.99
C LYS B 98 -20.10 -32.07 0.73
N THR B 99 -20.11 -31.62 -0.52
CA THR B 99 -20.99 -30.56 -0.97
C THR B 99 -21.83 -31.08 -2.13
N SER B 100 -23.04 -30.53 -2.26
CA SER B 100 -23.89 -30.90 -3.38
C SER B 100 -23.51 -30.20 -4.67
N VAL B 101 -22.59 -29.24 -4.62
CA VAL B 101 -22.24 -28.40 -5.76
C VAL B 101 -21.09 -29.04 -6.53
N THR B 102 -21.18 -28.99 -7.86
CA THR B 102 -20.16 -29.57 -8.73
C THR B 102 -19.66 -28.64 -9.83
N GLU B 103 -20.37 -27.55 -10.14
CA GLU B 103 -20.00 -26.63 -11.20
C GLU B 103 -19.50 -25.33 -10.56
N PHE B 104 -18.19 -25.14 -10.55
CA PHE B 104 -17.58 -24.06 -9.78
C PHE B 104 -17.10 -22.88 -10.62
N ALA B 105 -17.05 -23.01 -11.94
CA ALA B 105 -16.60 -21.88 -12.77
C ALA B 105 -17.66 -20.78 -12.87
N ASP B 106 -18.93 -21.10 -12.60
CA ASP B 106 -20.04 -20.16 -12.76
C ASP B 106 -20.19 -19.38 -11.46
N TYR B 107 -19.57 -18.20 -11.41
CA TYR B 107 -19.56 -17.40 -10.18
C TYR B 107 -20.98 -17.08 -9.73
N LEU B 108 -21.83 -16.62 -10.65
CA LEU B 108 -23.19 -16.26 -10.30
C LEU B 108 -23.97 -17.45 -9.78
N ALA B 109 -23.79 -18.63 -10.38
CA ALA B 109 -24.50 -19.82 -9.93
C ALA B 109 -24.06 -20.23 -8.54
N ILE B 110 -22.75 -20.31 -8.31
CA ILE B 110 -22.23 -20.60 -6.97
C ILE B 110 -22.80 -19.61 -5.96
N ARG B 111 -22.79 -18.32 -6.33
CA ARG B 111 -23.34 -17.28 -5.46
C ARG B 111 -24.82 -17.53 -5.16
N GLN B 112 -25.59 -17.92 -6.18
CA GLN B 112 -27.01 -18.12 -6.01
C GLN B 112 -27.33 -19.45 -5.35
N GLY B 113 -26.54 -20.48 -5.61
CA GLY B 113 -26.82 -21.81 -5.14
C GLY B 113 -26.58 -21.97 -3.65
N PRO B 114 -26.53 -23.23 -3.19
CA PRO B 114 -26.42 -23.49 -1.75
C PRO B 114 -25.02 -23.52 -1.18
N TYR B 115 -23.98 -23.27 -1.98
CA TYR B 115 -22.62 -23.59 -1.56
C TYR B 115 -22.19 -22.78 -0.34
N TYR B 116 -22.42 -21.46 -0.36
CA TYR B 116 -22.00 -20.63 0.77
C TYR B 116 -22.63 -21.09 2.08
N GLY B 117 -23.88 -21.57 2.02
CA GLY B 117 -24.56 -21.98 3.24
C GLY B 117 -24.04 -23.29 3.80
N GLU B 118 -23.74 -24.25 2.92
CA GLU B 118 -23.17 -25.51 3.37
C GLU B 118 -21.76 -25.31 3.93
N VAL B 119 -20.95 -24.48 3.26
CA VAL B 119 -19.65 -24.12 3.82
C VAL B 119 -19.82 -23.46 5.17
N ALA B 120 -20.82 -22.61 5.30
CA ALA B 120 -21.03 -21.88 6.56
C ALA B 120 -21.34 -22.86 7.71
N GLU B 121 -22.29 -23.76 7.52
CA GLU B 121 -22.67 -24.67 8.63
C GLU B 121 -21.50 -25.59 8.94
N MET B 122 -20.75 -26.04 7.96
CA MET B 122 -19.59 -26.90 8.30
C MET B 122 -18.63 -26.10 9.19
N LEU B 123 -18.23 -24.92 8.76
CA LEU B 123 -17.32 -24.05 9.52
C LEU B 123 -17.89 -23.72 10.89
N LYS B 124 -19.16 -23.39 10.95
CA LYS B 124 -19.84 -23.10 12.24
C LYS B 124 -19.74 -24.33 13.17
N ARG B 125 -19.91 -25.53 12.63
CA ARG B 125 -19.79 -26.79 13.40
C ARG B 125 -18.33 -26.88 13.87
N VAL B 126 -17.39 -26.90 12.94
CA VAL B 126 -15.94 -27.15 13.19
C VAL B 126 -15.33 -26.18 14.19
N THR B 127 -15.72 -24.93 14.13
CA THR B 127 -15.13 -23.93 15.01
C THR B 127 -16.02 -23.57 16.19
N GLY B 128 -17.16 -24.24 16.35
CA GLY B 128 -18.07 -23.93 17.43
C GLY B 128 -18.46 -22.47 17.44
N ALA B 129 -18.49 -21.85 16.27
CA ALA B 129 -18.74 -20.43 16.16
C ALA B 129 -20.22 -20.14 16.35
N THR B 130 -20.50 -18.90 16.71
CA THR B 130 -21.86 -18.42 16.92
C THR B 130 -22.48 -17.80 15.66
N LYS B 131 -21.66 -17.52 14.64
CA LYS B 131 -22.15 -16.92 13.39
C LYS B 131 -21.06 -16.92 12.31
N VAL B 132 -21.45 -17.32 11.10
CA VAL B 132 -20.55 -17.32 9.94
C VAL B 132 -21.16 -16.43 8.86
N HIS B 133 -20.32 -15.63 8.22
CA HIS B 133 -20.71 -14.86 7.04
C HIS B 133 -19.72 -15.15 5.93
N VAL B 134 -20.21 -15.74 4.84
CA VAL B 134 -19.38 -16.00 3.67
C VAL B 134 -19.34 -14.73 2.82
N ILE B 135 -18.13 -14.22 2.58
CA ILE B 135 -17.99 -13.05 1.70
C ILE B 135 -18.16 -13.45 0.25
N GLY B 136 -17.46 -14.51 -0.16
CA GLY B 136 -17.40 -14.89 -1.55
C GLY B 136 -16.28 -15.89 -1.73
N HIS B 137 -15.99 -16.17 -3.00
CA HIS B 137 -15.03 -17.22 -3.33
C HIS B 137 -14.23 -16.80 -4.57
N LEU B 138 -13.20 -17.56 -4.80
CA LEU B 138 -12.34 -17.36 -5.98
C LEU B 138 -12.02 -18.73 -6.58
N HIS B 139 -12.38 -18.88 -7.85
CA HIS B 139 -12.15 -20.11 -8.64
C HIS B 139 -10.82 -20.01 -9.37
N ARG B 140 -9.98 -21.03 -9.22
CA ARG B 140 -8.65 -21.09 -9.90
C ARG B 140 -8.70 -22.31 -10.84
N SER B 141 -8.17 -22.18 -12.06
CA SER B 141 -8.26 -23.32 -12.99
C SER B 141 -7.18 -23.30 -14.06
N LEU B 142 -6.42 -22.22 -14.14
CA LEU B 142 -5.35 -22.07 -15.14
C LEU B 142 -4.06 -22.78 -14.71
N ASN B 143 -3.33 -23.31 -15.67
CA ASN B 143 -2.00 -23.88 -15.39
C ASN B 143 -1.01 -22.70 -15.35
N TYR B 144 -0.13 -22.65 -14.36
CA TYR B 144 0.76 -21.51 -14.16
C TYR B 144 1.75 -21.36 -15.31
N ASN B 145 2.51 -22.42 -15.61
CA ASN B 145 3.53 -22.33 -16.65
C ASN B 145 2.92 -22.08 -18.02
N ASP B 146 1.83 -22.77 -18.36
CA ASP B 146 1.15 -22.51 -19.61
C ASP B 146 0.70 -21.06 -19.71
N THR B 147 0.07 -20.54 -18.65
CA THR B 147 -0.41 -19.16 -18.67
C THR B 147 0.74 -18.18 -18.77
N THR B 148 1.85 -18.46 -18.07
CA THR B 148 3.05 -17.63 -18.18
C THR B 148 3.47 -17.50 -19.65
N GLU B 149 3.51 -18.63 -20.36
CA GLU B 149 3.89 -18.59 -21.77
C GLU B 149 2.85 -17.85 -22.61
N GLU B 150 1.56 -18.05 -22.32
CA GLU B 150 0.51 -17.58 -23.23
C GLU B 150 0.39 -16.06 -23.24
N GLU B 151 0.46 -15.47 -22.04
CA GLU B 151 0.33 -13.99 -21.88
C GLU B 151 1.72 -13.33 -21.78
N LYS B 152 2.77 -13.98 -22.27
CA LYS B 152 4.12 -13.37 -22.22
C LYS B 152 4.19 -12.02 -22.95
N ASN B 153 3.38 -11.79 -23.98
CA ASN B 153 3.45 -10.49 -24.68
C ASN B 153 2.31 -9.56 -24.24
N ALA B 154 1.47 -10.01 -23.31
CA ALA B 154 0.38 -9.15 -22.89
C ALA B 154 0.88 -8.06 -21.93
N PRO B 155 0.24 -6.90 -21.93
CA PRO B 155 0.60 -5.85 -20.97
C PRO B 155 0.46 -6.34 -19.54
N ASP B 156 1.21 -5.68 -18.64
CA ASP B 156 1.28 -6.11 -17.25
C ASP B 156 -0.08 -6.16 -16.59
N MET B 157 -0.92 -5.16 -16.84
CA MET B 157 -2.19 -5.00 -16.15
C MET B 157 -3.35 -5.71 -16.85
N THR B 158 -3.06 -6.51 -17.87
CA THR B 158 -4.10 -7.35 -18.47
C THR B 158 -4.64 -8.32 -17.42
N MET B 159 -5.96 -8.30 -17.23
CA MET B 159 -6.59 -9.24 -16.31
C MET B 159 -6.80 -10.57 -17.01
N THR B 160 -6.27 -11.64 -16.41
CA THR B 160 -6.42 -12.96 -17.01
C THR B 160 -7.88 -13.40 -17.01
N LYS B 161 -8.21 -14.31 -17.93
CA LYS B 161 -9.53 -14.92 -18.01
C LYS B 161 -9.46 -16.21 -17.21
N GLY B 162 -9.99 -16.19 -16.01
CA GLY B 162 -9.70 -17.25 -15.07
C GLY B 162 -8.48 -16.93 -14.24
N GLN B 163 -8.21 -17.77 -13.26
CA GLN B 163 -7.12 -17.51 -12.33
C GLN B 163 -6.20 -18.71 -12.22
N THR B 164 -4.94 -18.41 -12.03
CA THR B 164 -3.77 -19.23 -11.85
C THR B 164 -3.60 -19.56 -10.36
N PRO B 165 -2.94 -20.67 -10.02
CA PRO B 165 -2.62 -20.91 -8.60
C PRO B 165 -1.81 -19.78 -8.01
N GLY B 166 -1.94 -19.59 -6.69
CA GLY B 166 -1.23 -18.54 -5.99
C GLY B 166 0.16 -18.96 -5.58
N ARG B 167 1.11 -18.87 -6.51
CA ARG B 167 2.48 -19.34 -6.27
C ARG B 167 3.32 -18.21 -5.66
N PHE B 168 3.00 -17.90 -4.40
CA PHE B 168 3.78 -16.97 -3.59
C PHE B 168 3.30 -17.08 -2.15
N VAL B 169 4.23 -16.97 -1.21
CA VAL B 169 3.92 -17.11 0.20
C VAL B 169 3.22 -15.86 0.70
N HIS B 170 2.08 -16.03 1.36
CA HIS B 170 1.28 -14.89 1.76
C HIS B 170 0.26 -15.31 2.80
N VAL B 171 -0.34 -14.31 3.44
CA VAL B 171 -1.58 -14.45 4.19
C VAL B 171 -2.58 -13.49 3.57
N ASP B 172 -3.80 -13.98 3.31
CA ASP B 172 -4.78 -13.19 2.57
C ASP B 172 -5.02 -11.82 3.20
N GLN B 173 -4.98 -11.76 4.53
CA GLN B 173 -5.23 -10.51 5.24
C GLN B 173 -4.13 -10.28 6.27
N SER B 174 -3.64 -9.05 6.33
CA SER B 174 -2.84 -8.61 7.46
C SER B 174 -3.75 -8.42 8.67
N TYR B 175 -3.16 -7.97 9.79
CA TYR B 175 -3.98 -7.56 10.91
C TYR B 175 -4.79 -6.34 10.54
N GLN B 176 -4.14 -5.35 9.91
CA GLN B 176 -4.86 -4.20 9.38
C GLN B 176 -5.73 -4.59 8.19
N GLY B 177 -5.28 -5.52 7.34
CA GLY B 177 -6.11 -5.95 6.23
C GLY B 177 -7.38 -6.64 6.70
N ALA B 178 -7.29 -7.40 7.79
CA ALA B 178 -8.47 -8.07 8.33
C ALA B 178 -9.53 -7.06 8.77
N VAL B 179 -9.11 -6.02 9.48
CA VAL B 179 -10.06 -5.00 9.93
C VAL B 179 -10.65 -4.27 8.73
N ARG B 180 -9.82 -4.00 7.73
CA ARG B 180 -10.34 -3.33 6.53
C ARG B 180 -11.36 -4.21 5.82
N ARG B 181 -11.13 -5.53 5.78
CA ARG B 181 -12.08 -6.43 5.13
C ARG B 181 -13.43 -6.41 5.82
N LEU B 182 -13.43 -6.35 7.16
CA LEU B 182 -14.68 -6.46 7.92
C LEU B 182 -15.58 -5.25 7.67
N TYR B 183 -14.99 -4.07 7.52
CA TYR B 183 -15.77 -2.85 7.28
C TYR B 183 -16.08 -2.63 5.80
N LEU B 184 -15.43 -3.38 4.91
CA LEU B 184 -15.78 -3.32 3.49
C LEU B 184 -16.79 -4.38 3.09
N ASP B 185 -16.85 -5.50 3.81
CA ASP B 185 -17.68 -6.63 3.43
C ASP B 185 -18.96 -6.73 4.23
N LEU B 186 -19.04 -6.10 5.40
CA LEU B 186 -20.23 -6.11 6.24
C LEU B 186 -20.75 -4.69 6.41
N PRO B 187 -22.04 -4.53 6.71
CA PRO B 187 -22.56 -3.18 6.98
C PRO B 187 -21.86 -2.56 8.18
N GLN B 188 -21.83 -1.22 8.20
CA GLN B 188 -21.15 -0.50 9.26
C GLN B 188 -21.66 -0.91 10.63
N GLU B 189 -22.97 -1.08 10.77
CA GLU B 189 -23.54 -1.37 12.09
C GLU B 189 -23.07 -2.72 12.63
N GLU B 190 -23.00 -3.74 11.78
CA GLU B 190 -22.70 -5.09 12.26
C GLU B 190 -21.20 -5.29 12.44
N ALA B 191 -20.38 -4.68 11.58
CA ALA B 191 -18.94 -4.78 11.76
C ALA B 191 -18.49 -4.12 13.06
N ARG B 192 -19.00 -2.92 13.33
CA ARG B 192 -18.69 -2.22 14.58
C ARG B 192 -19.13 -3.04 15.79
N ARG B 193 -20.24 -3.75 15.66
CA ARG B 193 -20.78 -4.52 16.78
C ARG B 193 -20.00 -5.80 16.99
N LEU B 194 -19.73 -6.54 15.91
CA LEU B 194 -19.04 -7.81 16.03
C LEU B 194 -17.56 -7.65 16.35
N GLU B 195 -16.99 -6.46 16.19
CA GLU B 195 -15.58 -6.27 16.52
C GLU B 195 -15.33 -6.36 18.02
N LYS B 196 -16.33 -6.01 18.84
CA LYS B 196 -16.15 -6.05 20.29
C LYS B 196 -15.88 -7.47 20.77
N THR B 197 -16.51 -8.46 20.15
CA THR B 197 -16.29 -9.85 20.50
C THR B 197 -15.27 -10.47 19.53
N ARG B 198 -14.92 -11.72 19.79
CA ARG B 198 -13.89 -12.41 19.01
C ARG B 198 -14.36 -12.62 17.57
N TRP B 199 -13.39 -12.64 16.65
CA TRP B 199 -13.69 -12.95 15.26
C TRP B 199 -12.42 -13.40 14.55
N ALA B 200 -12.59 -13.90 13.33
CA ALA B 200 -11.49 -14.51 12.59
C ALA B 200 -11.85 -14.55 11.11
N ILE B 201 -10.83 -14.73 10.28
CA ILE B 201 -10.98 -14.90 8.84
C ILE B 201 -10.40 -16.25 8.47
N ILE B 202 -11.23 -17.11 7.86
CA ILE B 202 -10.81 -18.44 7.44
C ILE B 202 -11.21 -18.63 5.98
N ASN B 203 -10.29 -19.15 5.18
CA ASN B 203 -10.57 -19.55 3.81
C ASN B 203 -10.84 -21.04 3.76
N VAL B 204 -11.81 -21.44 2.95
CA VAL B 204 -12.18 -22.84 2.78
C VAL B 204 -11.80 -23.25 1.36
N TRP B 205 -10.75 -24.05 1.25
CA TRP B 205 -10.14 -24.43 -0.02
C TRP B 205 -10.61 -25.82 -0.41
N ARG B 206 -11.20 -25.94 -1.59
CA ARG B 206 -11.66 -27.24 -2.07
C ARG B 206 -11.31 -27.44 -3.55
N PRO B 207 -10.63 -28.52 -3.89
CA PRO B 207 -10.38 -28.81 -5.31
C PRO B 207 -11.65 -29.32 -5.99
N VAL B 208 -11.75 -29.05 -7.29
CA VAL B 208 -12.88 -29.57 -8.06
C VAL B 208 -12.74 -31.06 -8.31
N ARG B 209 -11.54 -31.60 -8.18
CA ARG B 209 -11.28 -33.02 -8.39
C ARG B 209 -9.92 -33.33 -7.78
N LYS B 210 -9.63 -34.63 -7.68
CA LYS B 210 -8.40 -35.14 -7.09
C LYS B 210 -7.18 -34.33 -7.55
N VAL B 211 -6.50 -33.70 -6.58
CA VAL B 211 -5.37 -32.83 -6.91
C VAL B 211 -4.22 -33.71 -7.39
N THR B 212 -3.85 -33.52 -8.64
CA THR B 212 -2.79 -34.28 -9.25
C THR B 212 -1.61 -33.39 -9.65
N ASN B 213 -1.79 -32.07 -9.62
CA ASN B 213 -0.69 -31.14 -9.86
C ASN B 213 -0.97 -29.85 -9.09
N GLU B 214 0.10 -29.09 -8.85
CA GLU B 214 0.09 -27.80 -8.17
C GLU B 214 -0.81 -27.79 -6.94
N PRO B 215 -0.46 -28.51 -5.88
CA PRO B 215 -1.29 -28.48 -4.66
C PRO B 215 -1.06 -27.23 -3.82
N LEU B 216 -1.65 -27.19 -2.64
CA LEU B 216 -1.59 -26.03 -1.76
C LEU B 216 -0.91 -26.41 -0.45
N ALA B 217 0.08 -25.62 -0.05
CA ALA B 217 0.84 -25.85 1.18
C ALA B 217 0.50 -24.78 2.21
N VAL B 218 0.44 -25.19 3.47
CA VAL B 218 0.17 -24.28 4.58
C VAL B 218 1.31 -24.39 5.59
N CYS B 219 1.63 -23.27 6.23
CA CYS B 219 2.76 -23.16 7.13
C CYS B 219 2.27 -23.06 8.57
N ASP B 220 2.90 -23.82 9.45
CA ASP B 220 2.66 -23.72 10.89
C ASP B 220 2.73 -22.26 11.33
N ALA B 221 1.64 -21.78 11.93
CA ALA B 221 1.62 -20.39 12.38
C ALA B 221 2.71 -20.12 13.42
N ARG B 222 3.12 -21.16 14.15
CA ARG B 222 4.14 -21.00 15.17
C ARG B 222 5.56 -20.97 14.60
N SER B 223 5.75 -21.47 13.38
CA SER B 223 7.09 -21.50 12.78
C SER B 223 7.46 -20.18 12.10
N VAL B 224 6.58 -19.19 12.12
CA VAL B 224 6.84 -17.87 11.54
C VAL B 224 6.69 -16.82 12.63
N ARG B 225 7.64 -15.90 12.68
CA ARG B 225 7.66 -14.85 13.69
C ARG B 225 6.99 -13.58 13.17
N GLU B 226 6.54 -12.75 14.12
CA GLU B 226 5.83 -11.52 13.77
C GLU B 226 6.69 -10.59 12.94
N ASP B 227 7.98 -10.47 13.27
CA ASP B 227 8.87 -9.60 12.52
C ASP B 227 9.22 -10.14 11.15
N GLU B 228 8.69 -11.31 10.77
CA GLU B 228 8.82 -11.82 9.41
C GLU B 228 7.65 -11.43 8.52
N LEU B 229 6.64 -10.78 9.06
CA LEU B 229 5.43 -10.41 8.34
C LEU B 229 5.51 -8.96 7.89
N PHE B 230 5.10 -8.70 6.65
CA PHE B 230 5.15 -7.36 6.07
C PHE B 230 3.81 -7.03 5.44
N ASN B 231 3.18 -5.95 5.90
CA ASN B 231 1.93 -5.49 5.32
C ASN B 231 2.15 -5.10 3.86
N THR B 232 1.36 -5.70 2.97
CA THR B 232 1.55 -5.55 1.53
C THR B 232 0.21 -5.27 0.88
N LEU B 233 0.12 -4.16 0.16
CA LEU B 233 -1.15 -3.79 -0.46
C LEU B 233 -1.48 -4.75 -1.61
N HIS B 234 -2.76 -5.09 -1.73
CA HIS B 234 -3.25 -6.06 -2.69
C HIS B 234 -4.41 -5.41 -3.44
N LEU B 235 -4.23 -5.18 -4.73
CA LEU B 235 -5.19 -4.41 -5.52
C LEU B 235 -5.73 -5.26 -6.67
N VAL B 236 -7.04 -5.17 -6.87
CA VAL B 236 -7.72 -5.88 -7.95
C VAL B 236 -8.41 -4.85 -8.84
N PRO B 237 -7.95 -4.68 -10.09
CA PRO B 237 -8.41 -3.56 -10.93
C PRO B 237 -9.72 -3.83 -11.66
N MET B 238 -10.77 -4.09 -10.89
CA MET B 238 -12.09 -4.30 -11.46
C MET B 238 -12.71 -2.98 -11.90
N ARG B 239 -13.43 -3.03 -13.03
CA ARG B 239 -14.22 -1.90 -13.52
C ARG B 239 -13.36 -0.65 -13.76
N TRP B 240 -12.08 -0.85 -14.06
CA TRP B 240 -11.22 0.28 -14.41
C TRP B 240 -11.67 0.86 -15.75
N PRO B 241 -11.66 2.20 -15.90
CA PRO B 241 -11.26 3.28 -14.98
C PRO B 241 -12.40 3.87 -14.16
N ASP B 242 -13.62 3.34 -14.31
CA ASP B 242 -14.76 3.88 -13.57
C ASP B 242 -14.55 3.77 -12.07
N ALA B 243 -13.94 2.66 -11.62
CA ALA B 243 -13.68 2.44 -10.21
C ALA B 243 -12.19 2.30 -9.98
N ALA B 244 -11.73 2.77 -8.82
CA ALA B 244 -10.39 2.49 -8.38
C ALA B 244 -10.27 1.01 -8.03
N PRO B 245 -9.09 0.42 -8.22
CA PRO B 245 -8.92 -1.00 -7.90
C PRO B 245 -9.33 -1.32 -6.47
N GLN B 246 -10.02 -2.44 -6.31
CA GLN B 246 -10.43 -2.88 -4.98
C GLN B 246 -9.21 -3.13 -4.11
N GLU B 247 -9.29 -2.72 -2.85
CA GLU B 247 -8.15 -2.67 -1.95
C GLU B 247 -8.22 -3.79 -0.93
N ASN B 248 -7.08 -4.45 -0.72
CA ASN B 248 -6.91 -5.48 0.29
C ASN B 248 -5.47 -5.39 0.78
N GLN B 249 -5.24 -5.87 2.00
CA GLN B 249 -3.91 -5.77 2.61
C GLN B 249 -3.50 -7.14 3.13
N MET B 250 -2.42 -7.68 2.55
CA MET B 250 -1.92 -9.01 2.85
C MET B 250 -0.70 -8.95 3.75
N TRP B 251 -0.33 -10.12 4.28
CA TRP B 251 1.01 -10.37 4.79
C TRP B 251 1.89 -10.91 3.68
N ALA B 252 3.02 -10.26 3.43
CA ALA B 252 4.13 -10.94 2.78
C ALA B 252 5.06 -11.49 3.84
N VAL B 253 5.87 -12.48 3.47
CA VAL B 253 6.65 -13.25 4.44
C VAL B 253 8.12 -13.22 4.06
N ALA B 254 8.97 -12.97 5.05
CA ALA B 254 10.41 -12.90 4.81
C ALA B 254 10.98 -14.30 4.57
N PRO B 255 12.02 -14.40 3.73
CA PRO B 255 12.56 -15.73 3.37
C PRO B 255 13.23 -16.39 4.55
N PRO B 256 13.09 -17.71 4.67
CA PRO B 256 13.78 -18.43 5.75
C PRO B 256 15.22 -18.76 5.38
N LYS B 257 16.05 -18.90 6.41
CA LYS B 257 17.42 -19.34 6.17
C LYS B 257 17.51 -20.84 5.97
N THR B 258 16.59 -21.60 6.58
CA THR B 258 16.63 -23.04 6.64
C THR B 258 15.41 -23.64 5.94
N PRO B 259 15.60 -24.70 5.16
CA PRO B 259 14.44 -25.35 4.50
C PRO B 259 13.36 -25.81 5.46
N THR B 260 13.69 -26.06 6.73
CA THR B 260 12.70 -26.47 7.73
C THR B 260 12.50 -25.42 8.81
N GLN B 261 13.06 -24.21 8.63
CA GLN B 261 12.77 -23.12 9.56
C GLN B 261 11.28 -22.83 9.61
N HIS B 262 10.66 -22.66 8.44
CA HIS B 262 9.21 -22.65 8.31
C HIS B 262 8.74 -24.08 8.11
N LYS B 263 7.78 -24.51 8.95
CA LYS B 263 7.27 -25.88 8.89
C LYS B 263 6.14 -25.94 7.88
N TRP B 264 6.40 -26.56 6.73
CA TRP B 264 5.47 -26.57 5.62
C TRP B 264 4.78 -27.92 5.49
N HIS B 265 3.46 -27.90 5.32
CA HIS B 265 2.66 -29.11 5.27
C HIS B 265 1.67 -29.04 4.13
N TYR B 266 1.21 -30.22 3.73
CA TYR B 266 0.14 -30.39 2.74
C TYR B 266 -0.38 -31.81 2.86
N VAL B 267 -1.43 -32.11 2.12
CA VAL B 267 -1.95 -33.46 2.03
C VAL B 267 -2.11 -33.81 0.55
N SER B 268 -1.51 -34.92 0.14
CA SER B 268 -1.54 -35.30 -1.26
C SER B 268 -2.92 -35.81 -1.66
N GLY B 269 -3.26 -35.62 -2.94
CA GLY B 269 -4.50 -36.09 -3.49
C GLY B 269 -5.75 -35.65 -2.78
N MET B 270 -5.89 -34.36 -2.52
CA MET B 270 -7.12 -33.86 -1.91
C MET B 270 -8.26 -33.88 -2.93
N THR B 271 -9.46 -34.17 -2.44
CA THR B 271 -10.62 -34.33 -3.29
C THR B 271 -11.68 -33.30 -3.00
N GLU B 272 -12.68 -33.25 -3.89
CA GLU B 272 -13.83 -32.38 -3.72
C GLU B 272 -14.63 -32.70 -2.47
N ASP B 273 -14.41 -33.87 -1.87
CA ASP B 273 -15.04 -34.22 -0.60
C ASP B 273 -14.20 -33.81 0.59
N GLU B 274 -13.02 -33.25 0.37
CA GLU B 274 -12.13 -32.79 1.43
C GLU B 274 -11.94 -31.28 1.31
N ALA B 275 -11.82 -30.62 2.46
CA ALA B 275 -11.70 -29.17 2.51
C ALA B 275 -10.53 -28.78 3.40
N LEU B 276 -9.77 -27.78 2.95
CA LEU B 276 -8.63 -27.26 3.71
C LEU B 276 -9.02 -25.90 4.28
N LEU B 277 -9.11 -25.82 5.60
CA LEU B 277 -9.42 -24.59 6.29
C LEU B 277 -8.12 -23.89 6.66
N ILE B 278 -8.05 -22.59 6.41
CA ILE B 278 -6.81 -21.83 6.58
C ILE B 278 -7.16 -20.53 7.30
N LYS B 279 -6.68 -20.39 8.54
CA LYS B 279 -6.92 -19.17 9.30
C LYS B 279 -6.03 -18.06 8.77
N MET B 280 -6.66 -16.99 8.29
CA MET B 280 -5.93 -15.79 7.88
C MET B 280 -5.76 -14.80 9.02
N PHE B 281 -6.78 -14.67 9.87
CA PHE B 281 -6.76 -13.72 10.95
C PHE B 281 -7.49 -14.31 12.15
N ASP B 282 -7.13 -13.82 13.33
CA ASP B 282 -7.88 -14.09 14.56
C ASP B 282 -7.67 -12.91 15.49
N SER B 283 -8.78 -12.31 15.94
CA SER B 283 -8.68 -11.15 16.83
C SER B 283 -8.13 -11.51 18.20
N LYS B 284 -8.21 -12.78 18.60
CA LYS B 284 -7.69 -13.22 19.89
C LYS B 284 -6.17 -13.12 19.88
N LYS B 285 -5.62 -12.25 20.74
CA LYS B 285 -4.20 -11.91 20.66
C LYS B 285 -3.29 -12.96 21.28
N ASP B 286 -3.81 -13.83 22.15
CA ASP B 286 -2.98 -14.87 22.72
C ASP B 286 -3.78 -16.14 22.93
N GLY B 287 -3.12 -17.28 22.73
CA GLY B 287 -3.73 -18.59 22.94
C GLY B 287 -4.05 -19.34 21.67
N THR B 288 -4.03 -18.69 20.51
CA THR B 288 -4.41 -19.35 19.28
C THR B 288 -3.57 -18.82 18.13
N ALA B 289 -3.21 -19.71 17.21
CA ALA B 289 -2.63 -19.30 15.95
C ALA B 289 -3.45 -18.19 15.33
N ARG B 290 -2.78 -17.19 14.77
CA ARG B 290 -3.46 -15.99 14.30
C ARG B 290 -3.41 -15.80 12.79
N ARG B 291 -2.51 -16.48 12.10
CA ARG B 291 -2.31 -16.25 10.67
C ARG B 291 -1.46 -17.36 10.07
N VAL B 292 -1.87 -17.87 8.91
CA VAL B 292 -1.21 -19.02 8.31
C VAL B 292 -0.66 -18.64 6.94
N PRO B 293 0.65 -18.45 6.80
CA PRO B 293 1.22 -18.29 5.46
C PRO B 293 1.00 -19.55 4.64
N HIS B 294 0.76 -19.36 3.35
CA HIS B 294 0.44 -20.48 2.48
C HIS B 294 0.82 -20.11 1.06
N SER B 295 0.99 -21.14 0.23
CA SER B 295 1.36 -20.96 -1.16
C SER B 295 1.07 -22.25 -1.91
N SER B 296 0.76 -22.11 -3.19
CA SER B 296 0.76 -23.27 -4.06
C SER B 296 2.19 -23.60 -4.47
N PHE B 297 2.43 -24.87 -4.75
CA PHE B 297 3.75 -25.28 -5.18
C PHE B 297 3.61 -26.41 -6.20
N PRO B 298 4.44 -26.40 -7.23
CA PRO B 298 4.47 -27.52 -8.17
C PRO B 298 5.28 -28.68 -7.61
N THR B 299 5.05 -29.83 -8.23
CA THR B 299 5.70 -31.08 -7.93
C THR B 299 6.41 -31.57 -9.20
N PRO B 300 7.37 -32.44 -8.98
CA PRO B 300 8.08 -33.13 -10.04
C PRO B 300 7.13 -34.17 -10.64
N ASP B 301 6.23 -34.72 -9.81
CA ASP B 301 5.19 -35.73 -10.12
C ASP B 301 3.86 -35.05 -10.51
N ASP B 302 3.95 -33.93 -11.21
CA ASP B 302 2.76 -33.17 -11.61
C ASP B 302 2.30 -33.68 -12.96
N PHE B 303 1.04 -34.09 -13.05
CA PHE B 303 0.48 -34.59 -14.31
C PHE B 303 -0.99 -34.18 -14.40
N GLY B 304 -1.62 -34.54 -15.51
CA GLY B 304 -3.05 -34.33 -15.67
C GLY B 304 -3.44 -32.98 -16.24
N GLU B 305 -4.76 -32.73 -16.22
CA GLU B 305 -5.27 -31.41 -16.56
C GLU B 305 -5.08 -30.47 -15.37
N PRO B 306 -4.96 -29.17 -15.62
CA PRO B 306 -4.59 -28.24 -14.55
C PRO B 306 -5.52 -28.35 -13.34
N ARG B 307 -4.92 -28.34 -12.15
CA ARG B 307 -5.71 -28.31 -10.92
C ARG B 307 -6.72 -27.19 -10.97
N ALA B 308 -7.89 -27.44 -10.42
CA ALA B 308 -8.88 -26.38 -10.23
C ALA B 308 -9.44 -26.47 -8.83
N SER B 309 -9.85 -25.32 -8.31
CA SER B 309 -10.18 -25.21 -6.89
C SER B 309 -11.04 -23.97 -6.69
N THR B 310 -11.75 -23.97 -5.57
CA THR B 310 -12.37 -22.78 -5.03
C THR B 310 -11.83 -22.52 -3.64
N GLU B 311 -11.65 -21.25 -3.30
CA GLU B 311 -11.38 -20.83 -1.95
C GLU B 311 -12.44 -19.79 -1.59
N THR B 312 -13.27 -20.10 -0.61
CA THR B 312 -14.33 -19.19 -0.20
C THR B 312 -13.95 -18.55 1.12
N ARG B 313 -13.96 -17.21 1.11
CA ARG B 313 -13.55 -16.39 2.28
C ARG B 313 -14.71 -16.30 3.27
N CYS B 314 -14.41 -16.46 4.56
CA CYS B 314 -15.45 -16.51 5.58
C CYS B 314 -15.03 -15.71 6.80
N PHE B 315 -15.97 -14.91 7.32
CA PHE B 315 -15.84 -14.32 8.63
C PHE B 315 -16.44 -15.27 9.66
N VAL B 316 -15.70 -15.52 10.72
CA VAL B 316 -16.11 -16.41 11.80
C VAL B 316 -16.20 -15.60 13.08
N PHE B 317 -17.35 -15.64 13.74
CA PHE B 317 -17.58 -14.85 14.94
C PHE B 317 -17.94 -15.76 16.11
N TRP B 318 -17.37 -15.46 17.27
CA TRP B 318 -17.79 -16.00 18.55
C TRP B 318 -18.22 -14.81 19.40
N GLU B 319 -19.52 -14.50 19.36
CA GLU B 319 -20.07 -13.45 20.21
C GLU B 319 -20.16 -13.87 21.67
N ASP B 320 -19.70 -15.09 22.01
CA ASP B 320 -19.35 -15.42 23.38
C ASP B 320 -18.20 -14.53 23.84
N GLN B 321 -17.06 -14.73 23.19
CA GLN B 321 -15.74 -14.45 23.76
C GLN B 321 -15.36 -12.98 23.62
N GLU B 322 -14.40 -12.57 24.44
CA GLU B 322 -13.99 -11.17 24.60
C GLU B 322 -15.18 -10.26 24.82
CU CU C . 3.86 17.19 -0.92
C1 OGA D . 4.87 19.39 -2.36
C2 OGA D . 3.37 19.64 -2.24
C4 OGA D . 1.30 20.85 -3.01
C5 OGA D . 0.95 22.09 -3.82
O1 OGA D . 5.61 20.27 -2.86
O2 OGA D . 5.35 18.30 -1.96
O2' OGA D . 2.73 19.06 -1.42
O3 OGA D . -0.25 22.41 -4.00
N1 OGA D . 2.73 20.60 -3.12
O4 OGA D . 1.88 22.79 -4.31
C13 JD9 E . 1.32 12.53 -9.89
C15 JD9 E . 4.04 12.61 -9.57
C17 JD9 E . 5.28 12.75 -4.80
C20 JD9 E . 1.96 12.67 -8.67
C21 JD9 E . 3.32 12.44 -8.44
C22 JD9 E . 7.08 10.65 -7.86
C24 JD9 E . 5.36 11.97 -9.53
C26 JD9 E . 4.29 12.30 -11.94
C28 JD9 E . 7.14 11.52 -5.66
O01 JD9 E . 2.19 14.22 -6.21
O02 JD9 E . 7.77 11.55 -4.41
O03 JD9 E . 8.99 10.18 -6.59
O04 JD9 E . 1.09 12.49 -7.59
O05 JD9 E . 6.46 12.88 -12.95
O06 JD9 E . 3.74 12.13 -13.21
O07 JD9 E . 5.69 12.36 -3.53
O08 JD9 E . 1.65 12.58 -12.26
O09 JD9 E . 7.52 14.41 -8.71
O10 JD9 E . 7.63 7.36 -9.53
C11 JD9 E . 1.47 14.33 -5.02
C12 JD9 E . 2.19 12.59 -10.96
C14 JD9 E . 8.35 13.42 -9.25
C16 JD9 E . 6.25 12.65 -10.65
C18 JD9 E . 5.68 12.70 -11.80
C19 JD9 E . 7.53 9.66 -8.93
C23 JD9 E . 3.35 13.43 -6.12
C25 JD9 E . 7.78 12.77 -10.54
C27 JD9 E . 7.73 10.79 -6.75
C29 JD9 E . 5.92 11.67 -8.22
C30 JD9 E . 4.97 11.88 -7.08
C31 JD9 E . 3.43 12.05 -10.74
C32 JD9 E . 3.97 13.42 -4.98
C33 JD9 E . 4.03 12.88 -7.40
C34 JD9 E . 7.28 8.22 -8.48
C35 JD9 E . 5.85 12.24 -5.83
C36 JD9 E . 5.80 8.05 -8.15
C37 JD9 E . 6.46 14.20 -13.42
C38 JD9 E . 9.71 14.00 -9.59
C39 JD9 E . 10.08 10.96 -6.99
CU CU F . -4.24 -17.12 -0.08
C1 OGA G . -6.11 -19.17 -0.63
C2 OGA G . -4.95 -19.29 -1.60
C4 OGA G . -3.95 -20.32 -3.68
C5 OGA G . -4.23 -21.48 -4.63
O1 OGA G . -6.21 -18.15 0.11
O2 OGA G . -6.97 -20.09 -0.55
O2' OGA G . -3.98 -18.62 -1.45
O3 OGA G . -5.30 -22.12 -4.55
N1 OGA G . -5.04 -20.20 -2.73
O4 OGA G . -3.38 -21.79 -5.51
C13 JD9 H . -7.83 -11.33 -7.85
C15 JD9 H . -9.79 -11.82 -5.98
C17 JD9 H . -7.45 -12.33 -1.66
C20 JD9 H . -7.59 -11.68 -6.55
C21 JD9 H . -8.52 -11.69 -5.49
C22 JD9 H . -10.79 -10.19 -2.48
C24 JD9 H . -10.79 -11.55 -4.95
C26 JD9 H . -11.40 -11.26 -7.63
C28 JD9 H . -9.46 -11.33 -0.90
O01 JD9 H . -6.24 -13.72 -4.87
O02 JD9 H . -9.17 -11.61 0.44
O03 JD9 H . -11.42 -10.04 -0.25
O04 JD9 H . -6.22 -11.59 -6.21
O05 JD9 H . -13.77 -11.79 -7.22
O06 JD9 H . -11.63 -11.31 -9.01
O07 JD9 H . -7.08 -12.44 -0.31
O08 JD9 H . -9.58 -11.31 -9.49
O09 JD9 H . -12.29 -13.72 -3.48
O10 JD9 H . -12.14 -6.77 -2.91
C11 JD9 H . -4.90 -13.94 -4.51
C12 JD9 H . -9.17 -11.38 -8.14
C14 JD9 H . -13.08 -12.59 -3.25
C16 JD9 H . -12.31 -11.45 -5.44
C18 JD9 H . -12.51 -11.46 -6.72
C19 JD9 H . -10.72 -8.67 -2.60
C23 JD9 H . -7.00 -13.01 -3.94
C25 JD9 H . -13.48 -11.95 -4.59
C27 JD9 H . -10.67 -10.64 -1.27
C29 JD9 H . -10.22 -11.03 -3.72
C30 JD9 H . -9.24 -12.10 -3.32
C31 JD9 H . -10.03 -11.01 -7.14
C32 JD9 H . -6.69 -13.07 -2.69
C33 JD9 H . -8.38 -12.43 -4.40
C34 JD9 H . -11.95 -8.09 -3.32
C35 JD9 H . -8.54 -11.74 -1.97
C36 JD9 H . -13.20 -8.89 -2.98
C37 JD9 H . -13.87 -13.05 -7.84
C38 JD9 H . -14.34 -12.98 -2.50
C39 JD9 H . -12.52 -10.78 0.18
C1 EDO I . -27.05 -19.08 0.91
O1 EDO I . -26.65 -17.80 0.38
C2 EDO I . -26.60 -20.15 -0.07
O2 EDO I . -25.86 -21.18 0.59
C1 EDO J . 4.76 -6.71 -11.30
O1 EDO J . 5.39 -7.54 -12.27
C2 EDO J . 3.58 -5.98 -11.92
O2 EDO J . 2.35 -6.55 -11.44
#